data_7HHE
#
_entry.id   7HHE
#
_cell.length_a   41.483
_cell.length_b   41.981
_cell.length_c   157.989
_cell.angle_alpha   90.00
_cell.angle_beta   90.00
_cell.angle_gamma   90.00
#
_symmetry.space_group_name_H-M   'P 21 21 21'
#
loop_
_entity.id
_entity.type
_entity.pdbx_description
1 polymer 'Hepatoma-derived growth factor-related protein 2'
2 non-polymer 'SULFATE ION'
3 non-polymer 1,2-ETHANEDIOL
4 non-polymer N-methyl-N-(pyridin-3-yl)acetamide
5 water water
#
_entity_poly.entity_id   1
_entity_poly.type   'polypeptide(L)'
_entity_poly.pdbx_seq_one_letter_code
;GMPHAFKPGDLVFAKMKGYPHWPARIDDIADGAVKPPPNKYPIFFFGTHETAFLGPKDLFPYDKSKDKYGKPNKRKGFNE
GLWEIQNNPHASYS
;
_entity_poly.pdbx_strand_id   A,B,C
#
# COMPACT_ATOMS: atom_id res chain seq x y z
N MET A 2 -23.66 6.50 -14.88
CA MET A 2 -23.88 7.09 -13.52
C MET A 2 -22.95 6.43 -12.50
N PRO A 3 -22.49 7.17 -11.46
CA PRO A 3 -21.69 6.59 -10.35
C PRO A 3 -22.24 5.37 -9.60
N HIS A 4 -21.32 4.52 -9.16
CA HIS A 4 -21.65 3.46 -8.23
C HIS A 4 -21.31 4.00 -6.83
N ALA A 5 -21.61 3.20 -5.79
CA ALA A 5 -21.07 3.40 -4.45
C ALA A 5 -19.56 3.14 -4.48
N PHE A 6 -18.84 3.66 -3.50
CA PHE A 6 -17.39 3.47 -3.40
C PHE A 6 -17.09 1.98 -3.21
N LYS A 7 -15.93 1.52 -3.74
CA LYS A 7 -15.54 0.14 -3.53
C LYS A 7 -14.02 0.05 -3.32
N PRO A 8 -13.52 -1.00 -2.64
CA PRO A 8 -12.08 -1.13 -2.45
C PRO A 8 -11.38 -1.09 -3.81
N GLY A 9 -10.24 -0.40 -3.82
CA GLY A 9 -9.43 -0.14 -4.98
C GLY A 9 -9.71 1.23 -5.61
N ASP A 10 -10.90 1.83 -5.37
CA ASP A 10 -11.18 3.16 -5.91
C ASP A 10 -10.13 4.18 -5.47
N LEU A 11 -9.78 5.13 -6.35
CA LEU A 11 -8.71 6.07 -6.05
C LEU A 11 -9.35 7.44 -5.83
N VAL A 12 -8.84 8.20 -4.86
CA VAL A 12 -9.58 9.39 -4.45
C VAL A 12 -8.57 10.42 -4.00
N PHE A 13 -9.06 11.65 -3.79
CA PHE A 13 -8.44 12.60 -2.89
C PHE A 13 -9.32 12.58 -1.65
N ALA A 14 -8.66 12.45 -0.49
CA ALA A 14 -9.40 12.31 0.77
C ALA A 14 -9.13 13.55 1.60
N LYS A 15 -10.20 14.12 2.15
CA LYS A 15 -10.07 15.38 2.87
C LYS A 15 -10.27 15.13 4.36
N MET A 16 -9.26 15.50 5.16
CA MET A 16 -9.42 15.63 6.60
C MET A 16 -9.17 17.07 7.06
N LYS A 17 -9.90 17.48 8.11
CA LYS A 17 -9.74 18.75 8.82
C LYS A 17 -8.26 19.03 9.03
N GLY A 18 -7.80 20.16 8.49
CA GLY A 18 -6.44 20.58 8.79
C GLY A 18 -5.46 20.09 7.74
N TYR A 19 -5.88 19.27 6.76
CA TYR A 19 -4.94 18.79 5.77
C TYR A 19 -5.51 19.09 4.41
N PRO A 20 -4.65 19.27 3.37
CA PRO A 20 -5.13 19.40 2.00
C PRO A 20 -5.78 18.10 1.50
N HIS A 21 -6.63 18.19 0.48
CA HIS A 21 -7.14 17.01 -0.22
C HIS A 21 -5.96 16.07 -0.54
N TRP A 22 -6.07 14.79 -0.12
CA TRP A 22 -4.85 13.98 -0.09
C TRP A 22 -4.99 12.73 -0.95
N PRO A 23 -3.99 12.34 -1.80
CA PRO A 23 -4.09 11.14 -2.61
C PRO A 23 -4.19 9.90 -1.71
N ALA A 24 -5.12 9.02 -2.07
CA ALA A 24 -5.60 7.94 -1.21
C ALA A 24 -6.39 6.87 -2.00
N ARG A 25 -6.57 5.69 -1.40
CA ARG A 25 -7.39 4.66 -2.01
C ARG A 25 -8.37 4.14 -0.96
N ILE A 26 -9.53 3.63 -1.41
CA ILE A 26 -10.35 2.79 -0.55
C ILE A 26 -9.64 1.45 -0.41
N ASP A 27 -9.27 1.12 0.83
CA ASP A 27 -8.63 -0.16 1.12
C ASP A 27 -9.65 -1.30 1.28
N ASP A 28 -9.18 -2.54 1.04
CA ASP A 28 -9.87 -3.73 1.53
C ASP A 28 -9.65 -3.87 3.02
N ILE A 29 -10.53 -4.60 3.70
CA ILE A 29 -10.21 -5.10 5.03
C ILE A 29 -9.68 -6.54 4.93
N ALA A 30 -8.45 -6.77 5.44
CA ALA A 30 -7.93 -8.14 5.48
C ALA A 30 -8.79 -9.03 6.39
N ASP A 31 -8.92 -10.28 5.99
CA ASP A 31 -9.49 -11.31 6.85
C ASP A 31 -8.86 -11.18 8.23
N GLY A 32 -9.68 -11.01 9.26
CA GLY A 32 -9.21 -11.01 10.64
C GLY A 32 -8.80 -9.64 11.15
N ALA A 33 -8.87 -8.63 10.29
CA ALA A 33 -8.48 -7.25 10.60
C ALA A 33 -9.67 -6.44 11.13
N VAL A 34 -9.37 -5.34 11.82
CA VAL A 34 -10.38 -4.47 12.40
C VAL A 34 -11.19 -3.81 11.29
N LYS A 35 -12.52 -3.93 11.38
CA LYS A 35 -13.46 -3.35 10.43
C LYS A 35 -13.69 -1.89 10.81
N PRO A 36 -14.12 -1.02 9.87
CA PRO A 36 -14.44 0.36 10.19
C PRO A 36 -15.84 0.41 10.79
N PRO A 37 -16.26 1.56 11.37
CA PRO A 37 -17.66 1.81 11.72
C PRO A 37 -18.55 1.76 10.50
N PRO A 38 -19.87 1.60 10.71
CA PRO A 38 -20.84 1.60 9.62
C PRO A 38 -20.79 2.99 8.99
N ASN A 39 -21.04 3.01 7.69
CA ASN A 39 -21.02 4.22 6.91
C ASN A 39 -19.59 4.74 6.69
N LYS A 40 -18.55 4.01 7.13
CA LYS A 40 -17.19 4.53 6.93
C LYS A 40 -16.38 3.54 6.10
N TYR A 41 -15.39 4.06 5.34
CA TYR A 41 -14.51 3.24 4.54
C TYR A 41 -13.09 3.32 5.09
N PRO A 42 -12.28 2.24 4.96
CA PRO A 42 -10.86 2.30 5.32
C PRO A 42 -10.11 3.08 4.22
N ILE A 43 -9.48 4.18 4.61
CA ILE A 43 -8.82 5.00 3.62
C ILE A 43 -7.32 4.89 3.83
N PHE A 44 -6.63 4.43 2.80
CA PHE A 44 -5.17 4.43 2.84
C PHE A 44 -4.69 5.67 2.08
N PHE A 45 -3.90 6.48 2.77
CA PHE A 45 -3.36 7.73 2.25
C PHE A 45 -1.98 7.41 1.69
N PHE A 46 -1.78 7.72 0.41
CA PHE A 46 -0.48 7.57 -0.23
C PHE A 46 0.53 8.51 0.43
N GLY A 47 1.79 8.08 0.40
CA GLY A 47 2.86 8.94 0.89
C GLY A 47 3.11 8.81 2.40
N THR A 48 2.07 9.04 3.21
CA THR A 48 2.22 8.89 4.65
C THR A 48 2.05 7.44 5.05
N HIS A 49 1.27 6.70 4.24
CA HIS A 49 0.89 5.32 4.46
C HIS A 49 0.06 5.15 5.72
N GLU A 50 -0.70 6.19 6.13
CA GLU A 50 -1.57 6.07 7.29
C GLU A 50 -2.99 5.73 6.86
N THR A 51 -3.79 5.18 7.79
CA THR A 51 -5.20 4.86 7.51
C THR A 51 -6.10 5.76 8.35
N ALA A 52 -7.24 6.18 7.79
CA ALA A 52 -8.32 6.66 8.63
C ALA A 52 -9.63 6.13 8.05
N PHE A 53 -10.70 6.24 8.83
CA PHE A 53 -12.05 5.85 8.39
C PHE A 53 -12.83 7.12 8.06
N LEU A 54 -13.29 7.25 6.81
CA LEU A 54 -14.01 8.43 6.35
C LEU A 54 -15.26 8.02 5.58
N GLY A 55 -16.26 8.93 5.60
CA GLY A 55 -17.47 8.77 4.80
C GLY A 55 -17.32 9.44 3.43
N PRO A 56 -18.23 9.15 2.49
CA PRO A 56 -18.20 9.76 1.16
C PRO A 56 -18.04 11.28 1.05
N LYS A 57 -18.55 12.03 2.02
CA LYS A 57 -18.44 13.47 1.95
C LYS A 57 -16.98 13.94 1.88
N ASP A 58 -16.05 13.09 2.31
CA ASP A 58 -14.66 13.49 2.39
C ASP A 58 -13.84 12.88 1.24
N LEU A 59 -14.53 12.22 0.32
CA LEU A 59 -13.90 11.38 -0.69
C LEU A 59 -14.21 11.94 -2.09
N PHE A 60 -13.18 12.38 -2.81
CA PHE A 60 -13.31 12.98 -4.13
C PHE A 60 -12.60 12.08 -5.15
N PRO A 61 -13.38 11.48 -6.08
CA PRO A 61 -12.81 10.60 -7.10
C PRO A 61 -11.63 11.21 -7.86
N TYR A 62 -10.60 10.38 -8.07
CA TYR A 62 -9.27 10.84 -8.41
C TYR A 62 -9.28 11.48 -9.80
N ASP A 63 -9.88 10.77 -10.77
CA ASP A 63 -9.89 11.16 -12.17
C ASP A 63 -10.43 12.59 -12.33
N LYS A 64 -11.63 12.80 -11.79
CA LYS A 64 -12.33 14.08 -11.80
C LYS A 64 -11.57 15.17 -11.06
N SER A 65 -10.75 14.85 -10.05
CA SER A 65 -10.26 15.88 -9.14
C SER A 65 -8.78 16.13 -9.31
N LYS A 66 -8.11 15.33 -10.16
CA LYS A 66 -6.65 15.43 -10.20
C LYS A 66 -6.20 16.82 -10.64
N ASP A 67 -6.95 17.44 -11.57
N ASP A 67 -6.94 17.41 -11.59
CA ASP A 67 -6.54 18.75 -12.10
CA ASP A 67 -6.61 18.73 -12.09
C ASP A 67 -6.63 19.82 -11.00
C ASP A 67 -6.56 19.73 -10.94
N LYS A 68 -7.60 19.72 -10.10
CA LYS A 68 -7.66 20.62 -8.97
C LYS A 68 -6.60 20.27 -7.93
N TYR A 69 -6.38 18.98 -7.63
CA TYR A 69 -5.84 18.65 -6.31
C TYR A 69 -4.45 18.04 -6.42
N GLY A 70 -4.11 17.58 -7.63
CA GLY A 70 -2.90 16.81 -7.86
C GLY A 70 -1.71 17.72 -8.17
N LYS A 71 -1.37 18.61 -7.24
CA LYS A 71 -0.29 19.53 -7.47
C LYS A 71 0.64 19.42 -6.28
N PRO A 72 1.98 19.55 -6.46
CA PRO A 72 2.92 19.48 -5.35
C PRO A 72 2.44 20.26 -4.14
N ASN A 73 2.83 19.80 -2.96
CA ASN A 73 2.43 20.38 -1.69
C ASN A 73 3.58 20.19 -0.70
N LYS A 74 3.71 21.16 0.22
CA LYS A 74 4.84 21.23 1.13
C LYS A 74 4.78 20.09 2.14
N ARG A 75 3.57 19.60 2.42
CA ARG A 75 3.35 18.70 3.55
C ARG A 75 4.10 17.36 3.39
N LYS A 76 4.57 16.83 4.52
CA LYS A 76 5.36 15.60 4.58
C LYS A 76 4.59 14.47 3.92
N GLY A 77 5.22 13.84 2.92
CA GLY A 77 4.68 12.63 2.32
C GLY A 77 3.74 12.93 1.14
N PHE A 78 3.35 14.20 0.96
CA PHE A 78 2.37 14.51 -0.06
C PHE A 78 2.88 14.14 -1.46
N ASN A 79 4.12 14.52 -1.74
CA ASN A 79 4.59 14.39 -3.12
C ASN A 79 4.92 12.93 -3.45
N GLU A 80 5.43 12.21 -2.45
CA GLU A 80 5.51 10.76 -2.55
C GLU A 80 4.14 10.19 -2.89
N GLY A 81 3.13 10.68 -2.18
CA GLY A 81 1.75 10.26 -2.36
C GLY A 81 1.31 10.45 -3.81
N LEU A 82 1.74 11.54 -4.44
CA LEU A 82 1.31 11.81 -5.81
C LEU A 82 1.94 10.79 -6.76
N TRP A 83 3.22 10.49 -6.51
CA TRP A 83 3.90 9.50 -7.33
C TRP A 83 3.17 8.15 -7.21
N GLU A 84 2.76 7.79 -5.98
CA GLU A 84 2.19 6.46 -5.76
C GLU A 84 0.83 6.34 -6.43
N ILE A 85 -0.03 7.37 -6.28
CA ILE A 85 -1.37 7.25 -6.82
C ILE A 85 -1.27 7.21 -8.35
N GLN A 86 -0.26 7.90 -8.92
CA GLN A 86 -0.14 7.97 -10.36
C GLN A 86 0.59 6.75 -10.91
N ASN A 87 1.56 6.18 -10.18
CA ASN A 87 2.51 5.23 -10.71
C ASN A 87 2.24 3.79 -10.25
N ASN A 88 1.75 3.58 -9.01
CA ASN A 88 1.49 2.19 -8.62
C ASN A 88 0.44 2.19 -7.50
N PRO A 89 -0.81 2.59 -7.82
CA PRO A 89 -1.78 2.84 -6.76
C PRO A 89 -2.33 1.58 -6.09
N HIS A 90 -2.10 0.39 -6.67
CA HIS A 90 -2.68 -0.84 -6.16
C HIS A 90 -1.65 -1.75 -5.49
N ALA A 91 -0.43 -1.24 -5.25
CA ALA A 91 0.64 -2.04 -4.68
C ALA A 91 0.46 -2.20 -3.19
N SER A 92 1.21 -3.15 -2.64
CA SER A 92 1.38 -3.29 -1.21
C SER A 92 2.37 -2.25 -0.71
N TYR A 93 1.91 -1.39 0.20
CA TYR A 93 2.81 -0.45 0.87
C TYR A 93 3.04 -0.84 2.32
N SER A 94 2.90 -2.13 2.62
CA SER A 94 3.43 -2.75 3.84
C SER A 94 4.82 -2.19 4.18
N MET B 2 -2.20 -43.09 13.39
CA MET B 2 -1.99 -43.03 14.85
C MET B 2 -2.87 -41.93 15.46
N PRO B 3 -3.72 -42.24 16.47
CA PRO B 3 -4.46 -41.20 17.21
C PRO B 3 -3.55 -40.20 17.91
N HIS B 4 -4.07 -38.98 18.10
CA HIS B 4 -3.33 -37.86 18.68
C HIS B 4 -4.22 -37.10 19.67
N ALA B 5 -3.62 -36.18 20.46
CA ALA B 5 -4.37 -35.47 21.48
C ALA B 5 -5.53 -34.75 20.83
N PHE B 6 -5.24 -34.11 19.68
CA PHE B 6 -6.24 -33.47 18.85
C PHE B 6 -6.52 -34.36 17.63
N LYS B 7 -7.80 -34.65 17.38
CA LYS B 7 -8.22 -35.45 16.24
C LYS B 7 -9.01 -34.59 15.24
N PRO B 8 -8.97 -34.94 13.93
CA PRO B 8 -9.70 -34.21 12.90
C PRO B 8 -11.15 -34.02 13.30
N GLY B 9 -11.64 -32.78 13.19
CA GLY B 9 -13.01 -32.54 13.55
C GLY B 9 -13.15 -31.90 14.93
N ASP B 10 -12.04 -31.89 15.71
CA ASP B 10 -12.03 -31.27 17.04
C ASP B 10 -12.21 -29.76 16.89
N LEU B 11 -13.01 -29.16 17.79
CA LEU B 11 -13.24 -27.73 17.72
C LEU B 11 -12.32 -27.01 18.72
N VAL B 12 -11.77 -25.86 18.32
CA VAL B 12 -10.89 -25.10 19.22
C VAL B 12 -11.14 -23.60 19.03
N PHE B 13 -10.60 -22.79 19.94
CA PHE B 13 -10.14 -21.49 19.51
C PHE B 13 -8.66 -21.62 19.27
N ALA B 14 -8.19 -21.03 18.14
CA ALA B 14 -6.80 -21.05 17.71
C ALA B 14 -6.22 -19.62 17.77
N LYS B 15 -5.01 -19.50 18.33
CA LYS B 15 -4.37 -18.22 18.62
C LYS B 15 -3.21 -18.03 17.65
N MET B 16 -3.26 -16.96 16.86
CA MET B 16 -2.10 -16.50 16.12
C MET B 16 -1.78 -15.08 16.57
N LYS B 17 -0.49 -14.71 16.47
CA LYS B 17 -0.03 -13.36 16.79
C LYS B 17 -0.76 -12.37 15.88
N GLY B 18 -1.31 -11.32 16.47
CA GLY B 18 -1.99 -10.29 15.68
C GLY B 18 -3.52 -10.40 15.78
N TYR B 19 -4.00 -11.50 16.39
CA TYR B 19 -5.41 -11.83 16.29
C TYR B 19 -5.92 -12.39 17.61
N PRO B 20 -7.21 -12.21 17.90
CA PRO B 20 -7.81 -12.84 19.07
C PRO B 20 -7.94 -14.36 18.86
N HIS B 21 -7.97 -15.11 19.98
CA HIS B 21 -8.27 -16.54 19.95
C HIS B 21 -9.48 -16.78 19.06
N TRP B 22 -9.28 -17.59 18.02
CA TRP B 22 -10.19 -17.59 16.89
C TRP B 22 -10.92 -18.92 16.77
N PRO B 23 -12.27 -18.93 16.59
CA PRO B 23 -13.03 -20.18 16.40
C PRO B 23 -12.46 -20.92 15.20
N ALA B 24 -12.13 -22.21 15.39
CA ALA B 24 -11.39 -22.97 14.41
C ALA B 24 -11.69 -24.47 14.59
N ARG B 25 -11.13 -25.28 13.68
CA ARG B 25 -11.30 -26.72 13.77
C ARG B 25 -10.00 -27.38 13.37
N ILE B 26 -9.81 -28.63 13.82
CA ILE B 26 -8.68 -29.42 13.33
C ILE B 26 -9.16 -30.12 12.07
N ASP B 27 -8.40 -30.00 10.99
CA ASP B 27 -8.73 -30.63 9.72
C ASP B 27 -7.84 -31.86 9.50
N ASP B 28 -8.25 -32.75 8.59
CA ASP B 28 -7.47 -33.92 8.19
C ASP B 28 -6.33 -33.49 7.27
N ILE B 29 -5.34 -34.37 7.10
CA ILE B 29 -4.15 -34.10 6.29
C ILE B 29 -4.41 -34.51 4.83
N VAL B 34 1.00 -31.26 1.26
CA VAL B 34 2.00 -30.78 2.26
C VAL B 34 1.49 -31.20 3.63
N LYS B 35 2.10 -32.24 4.21
CA LYS B 35 1.76 -32.78 5.53
C LYS B 35 2.33 -31.88 6.63
N PRO B 36 1.58 -31.61 7.75
CA PRO B 36 2.00 -30.60 8.74
C PRO B 36 3.41 -30.75 9.27
N PRO B 37 4.15 -29.66 9.58
CA PRO B 37 5.47 -29.75 10.20
C PRO B 37 5.25 -30.54 11.50
N PRO B 38 6.25 -31.27 12.04
CA PRO B 38 6.03 -32.04 13.27
C PRO B 38 5.54 -31.23 14.48
N ASN B 39 4.67 -31.84 15.27
CA ASN B 39 4.12 -31.23 16.48
C ASN B 39 2.84 -30.45 16.20
N LYS B 40 2.59 -30.07 14.94
CA LYS B 40 1.57 -29.10 14.61
C LYS B 40 0.41 -29.76 13.85
N TYR B 41 -0.73 -29.09 13.82
CA TYR B 41 -1.85 -29.64 13.06
C TYR B 41 -2.34 -28.65 12.01
N PRO B 42 -3.09 -29.15 10.97
CA PRO B 42 -3.77 -28.25 10.04
C PRO B 42 -4.98 -27.67 10.77
N ILE B 43 -5.01 -26.34 10.88
CA ILE B 43 -6.14 -25.58 11.45
C ILE B 43 -7.02 -24.95 10.35
N PHE B 44 -8.35 -25.04 10.50
CA PHE B 44 -9.26 -24.30 9.65
C PHE B 44 -9.98 -23.26 10.51
N PHE B 45 -9.88 -21.99 10.09
CA PHE B 45 -10.42 -20.81 10.78
C PHE B 45 -11.85 -20.55 10.28
N PHE B 46 -12.85 -20.70 11.16
CA PHE B 46 -14.20 -20.38 10.72
C PHE B 46 -14.30 -18.89 10.37
N GLY B 47 -15.27 -18.52 9.54
CA GLY B 47 -15.49 -17.11 9.23
C GLY B 47 -14.57 -16.68 8.09
N THR B 48 -13.27 -16.80 8.29
CA THR B 48 -12.36 -16.34 7.27
C THR B 48 -12.12 -17.49 6.31
N HIS B 49 -12.29 -18.73 6.80
CA HIS B 49 -12.07 -19.93 5.99
C HIS B 49 -10.62 -20.03 5.53
N GLU B 50 -9.68 -19.47 6.29
CA GLU B 50 -8.26 -19.67 6.00
C GLU B 50 -7.69 -20.83 6.81
N THR B 51 -6.47 -21.26 6.47
CA THR B 51 -5.81 -22.39 7.14
C THR B 51 -4.43 -21.94 7.60
N ALA B 52 -3.90 -22.62 8.62
CA ALA B 52 -2.54 -22.44 9.08
C ALA B 52 -2.14 -23.68 9.86
N PHE B 53 -0.85 -23.77 10.15
CA PHE B 53 -0.31 -24.83 11.00
C PHE B 53 -0.05 -24.22 12.37
N LEU B 54 -0.61 -24.85 13.41
CA LEU B 54 -0.45 -24.39 14.78
C LEU B 54 -0.13 -25.58 15.67
N GLY B 55 0.64 -25.28 16.73
CA GLY B 55 0.95 -26.26 17.74
C GLY B 55 -0.04 -26.18 18.90
N PRO B 56 -0.08 -27.22 19.77
CA PRO B 56 -1.06 -27.29 20.84
C PRO B 56 -1.03 -26.09 21.78
N LYS B 57 0.12 -25.39 21.88
CA LYS B 57 0.22 -24.27 22.82
C LYS B 57 -0.76 -23.18 22.41
N ASP B 58 -1.18 -23.23 21.14
CA ASP B 58 -2.04 -22.19 20.58
C ASP B 58 -3.43 -22.74 20.25
N LEU B 59 -3.76 -23.97 20.74
CA LEU B 59 -5.06 -24.57 20.47
C LEU B 59 -5.79 -24.80 21.78
N PHE B 60 -7.00 -24.25 21.88
CA PHE B 60 -7.77 -24.21 23.11
C PHE B 60 -9.08 -24.97 22.88
N PRO B 61 -9.24 -26.19 23.45
CA PRO B 61 -10.52 -26.90 23.39
C PRO B 61 -11.72 -25.99 23.56
N TYR B 62 -12.64 -26.03 22.57
CA TYR B 62 -13.69 -25.05 22.42
C TYR B 62 -14.67 -25.04 23.60
N ASP B 63 -15.01 -26.22 24.13
CA ASP B 63 -16.04 -26.28 25.16
C ASP B 63 -15.54 -25.63 26.45
N LYS B 64 -14.30 -25.96 26.83
CA LYS B 64 -13.65 -25.39 28.00
C LYS B 64 -13.53 -23.86 27.88
N SER B 65 -13.26 -23.37 26.67
CA SER B 65 -12.79 -22.01 26.54
C SER B 65 -13.82 -21.08 25.91
N LYS B 66 -15.02 -21.57 25.55
CA LYS B 66 -15.99 -20.81 24.78
C LYS B 66 -16.54 -19.59 25.53
N ASP B 67 -16.60 -19.60 26.86
CA ASP B 67 -17.20 -18.44 27.48
C ASP B 67 -16.16 -17.33 27.61
N LYS B 68 -14.88 -17.74 27.71
CA LYS B 68 -13.73 -16.84 27.75
C LYS B 68 -13.44 -16.23 26.38
N TYR B 69 -13.50 -17.02 25.30
CA TYR B 69 -12.96 -16.57 24.02
C TYR B 69 -14.06 -16.27 23.00
N GLY B 70 -15.29 -16.73 23.26
CA GLY B 70 -16.31 -16.75 22.23
C GLY B 70 -17.16 -15.49 22.18
N LYS B 71 -16.55 -14.32 22.44
CA LYS B 71 -17.32 -13.08 22.50
C LYS B 71 -17.11 -12.28 21.22
N PRO B 72 -18.21 -11.74 20.63
CA PRO B 72 -18.10 -10.91 19.42
C PRO B 72 -17.14 -9.74 19.57
N ASN B 73 -16.38 -9.48 18.50
CA ASN B 73 -15.49 -8.34 18.37
C ASN B 73 -15.64 -7.78 16.96
N LYS B 74 -14.77 -6.84 16.59
CA LYS B 74 -14.93 -6.11 15.34
C LYS B 74 -13.92 -6.58 14.28
N ARG B 75 -13.30 -7.75 14.48
CA ARG B 75 -12.41 -8.31 13.47
C ARG B 75 -13.24 -8.98 12.37
N LYS B 76 -12.85 -8.72 11.12
CA LYS B 76 -13.57 -9.21 9.96
C LYS B 76 -13.59 -10.74 9.96
N GLY B 77 -14.79 -11.31 9.87
CA GLY B 77 -15.02 -12.75 9.76
C GLY B 77 -15.23 -13.43 11.12
N PHE B 78 -15.09 -12.69 12.23
CA PHE B 78 -15.10 -13.30 13.55
C PHE B 78 -16.52 -13.69 13.93
N ASN B 79 -17.46 -12.77 13.73
CA ASN B 79 -18.80 -13.14 14.11
C ASN B 79 -19.30 -14.26 13.20
N GLU B 80 -18.85 -14.28 11.95
CA GLU B 80 -19.30 -15.35 11.09
C GLU B 80 -18.69 -16.68 11.55
N GLY B 81 -17.45 -16.64 12.06
CA GLY B 81 -16.72 -17.77 12.62
C GLY B 81 -17.48 -18.32 13.81
N LEU B 82 -18.03 -17.43 14.64
CA LEU B 82 -18.81 -17.82 15.79
C LEU B 82 -20.07 -18.51 15.30
N TRP B 83 -20.72 -17.93 14.29
CA TRP B 83 -21.90 -18.59 13.77
C TRP B 83 -21.57 -20.01 13.31
N GLU B 84 -20.44 -20.18 12.59
CA GLU B 84 -20.10 -21.44 11.93
C GLU B 84 -19.81 -22.57 12.93
N ILE B 85 -19.02 -22.24 13.95
CA ILE B 85 -18.54 -23.25 14.88
C ILE B 85 -19.74 -23.70 15.71
N GLN B 86 -20.73 -22.81 15.84
CA GLN B 86 -21.88 -23.08 16.68
C GLN B 86 -22.94 -23.84 15.89
N ASN B 87 -23.09 -23.56 14.59
CA ASN B 87 -24.26 -24.02 13.86
C ASN B 87 -23.95 -25.12 12.85
N ASN B 88 -22.71 -25.18 12.35
CA ASN B 88 -22.36 -26.20 11.37
C ASN B 88 -20.83 -26.39 11.31
N PRO B 89 -20.19 -26.79 12.43
CA PRO B 89 -18.73 -26.89 12.45
C PRO B 89 -18.12 -27.89 11.49
N HIS B 90 -18.97 -28.77 10.92
CA HIS B 90 -18.46 -29.91 10.17
C HIS B 90 -18.69 -29.73 8.67
N ALA B 91 -19.22 -28.58 8.26
CA ALA B 91 -19.56 -28.37 6.85
C ALA B 91 -18.30 -28.24 6.00
N SER B 92 -18.47 -28.47 4.70
CA SER B 92 -17.51 -28.07 3.69
C SER B 92 -17.67 -26.57 3.41
N TYR B 93 -16.55 -25.82 3.39
CA TYR B 93 -16.51 -24.37 3.25
C TYR B 93 -15.59 -24.01 2.08
N SER B 94 -15.19 -25.03 1.33
CA SER B 94 -14.35 -24.99 0.13
C SER B 94 -14.91 -23.98 -0.90
N HIS C 4 24.63 7.17 -26.46
CA HIS C 4 23.38 7.84 -26.90
C HIS C 4 23.74 9.19 -27.55
N ALA C 5 22.75 10.10 -27.57
CA ALA C 5 22.88 11.50 -27.97
C ALA C 5 21.78 12.34 -27.32
N PHE C 6 22.14 13.55 -26.89
CA PHE C 6 21.21 14.33 -26.08
C PHE C 6 21.12 15.72 -26.66
N LYS C 7 19.89 16.23 -26.83
CA LYS C 7 19.67 17.60 -27.29
C LYS C 7 18.89 18.36 -26.21
N PRO C 8 18.92 19.71 -26.17
CA PRO C 8 18.17 20.45 -25.13
C PRO C 8 16.71 20.02 -25.03
N GLY C 9 16.11 20.19 -23.84
CA GLY C 9 14.73 19.78 -23.59
C GLY C 9 14.57 18.30 -23.21
N ASP C 10 15.51 17.44 -23.67
CA ASP C 10 15.55 16.02 -23.40
C ASP C 10 15.54 15.74 -21.89
N LEU C 11 14.71 14.77 -21.52
CA LEU C 11 14.44 14.39 -20.14
C LEU C 11 15.32 13.18 -19.77
N VAL C 12 15.99 13.26 -18.61
CA VAL C 12 16.92 12.22 -18.18
C VAL C 12 16.79 12.01 -16.66
N PHE C 13 17.45 10.95 -16.16
CA PHE C 13 17.94 10.95 -14.80
C PHE C 13 19.42 11.31 -14.87
N ALA C 14 19.86 12.17 -13.93
CA ALA C 14 21.24 12.64 -13.91
C ALA C 14 21.88 12.26 -12.60
N LYS C 15 23.08 11.68 -12.68
CA LYS C 15 23.74 11.11 -11.51
C LYS C 15 24.94 12.00 -11.20
N MET C 16 24.94 12.59 -10.01
CA MET C 16 26.14 13.22 -9.46
C MET C 16 26.54 12.45 -8.21
N LYS C 17 27.81 12.63 -7.84
CA LYS C 17 28.39 11.99 -6.68
C LYS C 17 27.65 12.48 -5.44
N GLY C 18 27.19 11.55 -4.61
CA GLY C 18 26.59 11.91 -3.34
C GLY C 18 25.07 12.12 -3.46
N TYR C 19 24.50 11.73 -4.60
CA TYR C 19 23.09 11.93 -4.89
C TYR C 19 22.60 10.72 -5.67
N PRO C 20 21.33 10.32 -5.45
CA PRO C 20 20.70 9.31 -6.31
C PRO C 20 20.51 9.86 -7.73
N HIS C 21 20.30 8.93 -8.68
CA HIS C 21 19.88 9.29 -10.03
C HIS C 21 18.67 10.22 -9.95
N TRP C 22 18.82 11.45 -10.50
CA TRP C 22 17.91 12.56 -10.24
C TRP C 22 17.14 12.91 -11.51
N PRO C 23 15.80 13.13 -11.42
CA PRO C 23 15.02 13.56 -12.60
C PRO C 23 15.47 14.96 -13.02
N ALA C 24 15.69 15.13 -14.33
CA ALA C 24 16.36 16.33 -14.83
C ALA C 24 16.10 16.49 -16.33
N ARG C 25 16.53 17.62 -16.90
CA ARG C 25 16.49 17.76 -18.35
C ARG C 25 17.77 18.39 -18.88
N ILE C 26 18.08 18.15 -20.16
CA ILE C 26 19.15 18.87 -20.85
C ILE C 26 18.72 20.31 -21.08
N ASP C 27 19.50 21.24 -20.55
CA ASP C 27 19.27 22.66 -20.79
C ASP C 27 19.93 23.12 -22.08
N ASP C 28 19.93 24.44 -22.32
CA ASP C 28 20.62 24.99 -23.48
C ASP C 28 21.62 26.04 -23.01
N ILE C 29 22.83 26.00 -23.59
CA ILE C 29 23.91 26.96 -23.35
C ILE C 29 23.61 28.21 -24.16
N ALA C 30 23.89 29.39 -23.61
CA ALA C 30 23.54 30.65 -24.26
C ALA C 30 24.58 31.03 -25.31
N LYS C 35 30.35 28.72 -21.58
CA LYS C 35 30.71 27.47 -22.30
C LYS C 35 30.88 26.35 -21.27
N PRO C 36 30.19 25.21 -21.46
CA PRO C 36 30.42 24.00 -20.65
C PRO C 36 31.89 23.58 -20.68
N PRO C 37 32.42 22.91 -19.63
CA PRO C 37 33.69 22.19 -19.77
C PRO C 37 33.53 21.21 -20.95
N PRO C 38 34.64 20.80 -21.60
CA PRO C 38 34.55 19.89 -22.75
C PRO C 38 33.68 18.67 -22.46
N ASN C 39 32.77 18.40 -23.41
CA ASN C 39 31.97 17.19 -23.46
C ASN C 39 30.94 17.16 -22.32
N LYS C 40 30.62 18.32 -21.72
CA LYS C 40 29.66 18.38 -20.61
C LYS C 40 28.40 19.10 -21.06
N TYR C 41 27.24 18.55 -20.69
CA TYR C 41 25.95 19.15 -21.02
C TYR C 41 25.47 19.93 -19.80
N PRO C 42 24.69 21.02 -19.98
CA PRO C 42 24.17 21.78 -18.83
C PRO C 42 22.90 21.03 -18.45
N ILE C 43 22.73 20.76 -17.17
CA ILE C 43 21.60 19.97 -16.71
C ILE C 43 20.86 20.84 -15.70
N PHE C 44 19.52 20.87 -15.83
CA PHE C 44 18.62 21.41 -14.81
C PHE C 44 17.96 20.25 -14.05
N PHE C 45 18.00 20.30 -12.72
CA PHE C 45 17.43 19.29 -11.85
C PHE C 45 16.01 19.69 -11.47
N PHE C 46 15.04 18.78 -11.71
CA PHE C 46 13.70 18.97 -11.22
C PHE C 46 13.67 18.90 -9.69
N GLY C 47 12.65 19.52 -9.07
CA GLY C 47 12.56 19.56 -7.61
C GLY C 47 13.41 20.70 -7.03
N THR C 48 14.73 20.57 -7.15
CA THR C 48 15.62 21.55 -6.55
C THR C 48 15.75 22.75 -7.50
N HIS C 49 15.60 22.51 -8.80
CA HIS C 49 15.70 23.60 -9.78
C HIS C 49 17.12 24.17 -9.88
N GLU C 50 18.11 23.43 -9.35
CA GLU C 50 19.53 23.77 -9.48
C GLU C 50 20.10 23.25 -10.81
N THR C 51 21.30 23.72 -11.19
CA THR C 51 21.91 23.37 -12.49
C THR C 51 23.36 22.92 -12.28
N ALA C 52 23.86 22.10 -13.21
CA ALA C 52 25.24 21.63 -13.19
C ALA C 52 25.65 21.21 -14.59
N PHE C 53 26.95 20.96 -14.75
CA PHE C 53 27.45 20.40 -16.00
C PHE C 53 27.79 18.94 -15.74
N LEU C 54 27.15 18.03 -16.50
CA LEU C 54 27.46 16.63 -16.36
C LEU C 54 27.93 16.06 -17.71
N GLY C 55 28.79 15.05 -17.63
CA GLY C 55 29.21 14.30 -18.81
C GLY C 55 28.13 13.29 -19.16
N PRO C 56 28.11 12.77 -20.41
CA PRO C 56 27.02 11.87 -20.82
C PRO C 56 27.11 10.54 -20.09
N LYS C 57 28.24 10.30 -19.43
CA LYS C 57 28.37 9.12 -18.57
C LYS C 57 27.30 9.15 -17.48
N ASP C 58 26.82 10.37 -17.16
CA ASP C 58 26.08 10.57 -15.93
C ASP C 58 24.60 10.66 -16.23
N LEU C 59 24.22 10.40 -17.48
CA LEU C 59 22.91 10.82 -17.96
C LEU C 59 22.20 9.59 -18.53
N PHE C 60 20.90 9.48 -18.25
CA PHE C 60 20.07 8.34 -18.66
C PHE C 60 18.73 8.83 -19.20
N PRO C 61 18.37 8.50 -20.47
CA PRO C 61 17.07 8.89 -21.04
C PRO C 61 15.93 8.47 -20.11
N TYR C 62 15.01 9.43 -19.91
CA TYR C 62 13.94 9.39 -18.92
C TYR C 62 13.04 8.19 -19.18
N ASP C 63 12.60 8.03 -20.45
CA ASP C 63 11.70 6.95 -20.82
C ASP C 63 12.36 5.58 -20.68
N LYS C 64 13.64 5.49 -21.06
CA LYS C 64 14.33 4.20 -21.03
C LYS C 64 14.52 3.73 -19.59
N SER C 65 14.77 4.67 -18.64
CA SER C 65 15.35 4.28 -17.36
C SER C 65 14.40 4.48 -16.16
N LYS C 66 13.20 5.05 -16.40
CA LYS C 66 12.36 5.52 -15.31
C LYS C 66 11.81 4.37 -14.48
N ASP C 67 11.68 3.18 -15.08
CA ASP C 67 11.25 1.99 -14.35
C ASP C 67 12.27 1.71 -13.25
N LYS C 68 13.51 2.10 -13.51
CA LYS C 68 14.62 1.82 -12.59
C LYS C 68 14.82 2.97 -11.60
N TYR C 69 14.87 4.24 -12.06
CA TYR C 69 15.23 5.35 -11.17
C TYR C 69 14.00 6.19 -10.81
N GLY C 70 12.88 5.99 -11.51
CA GLY C 70 11.72 6.84 -11.23
C GLY C 70 10.93 6.22 -10.09
N LYS C 71 11.33 6.57 -8.86
CA LYS C 71 10.81 5.91 -7.67
C LYS C 71 11.18 6.79 -6.49
N PRO C 72 10.25 7.00 -5.53
CA PRO C 72 10.45 8.01 -4.51
C PRO C 72 11.70 7.79 -3.64
N ASN C 73 12.17 8.89 -3.05
CA ASN C 73 13.14 8.76 -1.97
C ASN C 73 13.01 10.06 -1.22
N LYS C 74 13.67 10.16 -0.06
CA LYS C 74 13.39 11.20 0.91
C LYS C 74 14.35 12.36 0.72
N ARG C 75 15.30 12.25 -0.23
CA ARG C 75 16.20 13.36 -0.50
C ARG C 75 15.38 14.60 -0.81
N LYS C 76 15.89 15.77 -0.39
CA LYS C 76 15.13 17.01 -0.49
C LYS C 76 14.82 17.34 -1.96
N GLY C 77 13.52 17.50 -2.27
CA GLY C 77 13.14 18.01 -3.58
C GLY C 77 12.91 16.88 -4.57
N PHE C 78 13.34 15.67 -4.16
CA PHE C 78 13.30 14.52 -5.04
C PHE C 78 11.86 14.26 -5.49
N ASN C 79 10.93 14.16 -4.53
CA ASN C 79 9.60 13.73 -4.96
C ASN C 79 8.89 14.82 -5.77
N GLU C 80 9.03 16.09 -5.39
CA GLU C 80 8.47 17.12 -6.26
C GLU C 80 9.12 17.02 -7.65
N GLY C 81 10.42 16.67 -7.66
CA GLY C 81 11.17 16.39 -8.89
C GLY C 81 10.47 15.37 -9.80
N LEU C 82 10.03 14.25 -9.22
CA LEU C 82 9.38 13.17 -9.97
C LEU C 82 8.04 13.68 -10.50
N TRP C 83 7.38 14.54 -9.71
CA TRP C 83 6.14 15.12 -10.19
C TRP C 83 6.36 16.00 -11.44
N GLU C 84 7.31 16.94 -11.36
CA GLU C 84 7.62 17.82 -12.48
C GLU C 84 7.95 17.03 -13.75
N ILE C 85 8.78 15.98 -13.65
CA ILE C 85 9.31 15.42 -14.90
C ILE C 85 8.19 14.71 -15.67
N GLN C 86 7.22 14.16 -14.94
CA GLN C 86 6.06 13.42 -15.45
C GLN C 86 4.96 14.40 -15.85
N ASN C 87 4.79 15.49 -15.09
CA ASN C 87 3.55 16.25 -15.12
C ASN C 87 3.71 17.68 -15.63
N ASN C 88 4.93 18.17 -15.86
CA ASN C 88 5.19 19.57 -16.21
C ASN C 88 6.66 19.74 -16.59
N PRO C 89 7.19 18.94 -17.54
CA PRO C 89 8.63 18.92 -17.77
C PRO C 89 9.23 20.12 -18.52
N HIS C 90 8.41 21.09 -18.97
CA HIS C 90 8.93 22.20 -19.76
C HIS C 90 8.47 23.57 -19.25
N ALA C 91 8.08 23.67 -17.97
CA ALA C 91 7.86 24.97 -17.32
C ALA C 91 9.19 25.70 -17.05
N SER C 92 9.13 26.88 -16.40
CA SER C 92 10.26 27.81 -16.36
C SER C 92 11.02 27.82 -15.03
N TYR C 93 10.30 27.93 -13.90
CA TYR C 93 10.90 27.93 -12.58
C TYR C 93 11.92 29.10 -12.43
#